data_6SBO
#
_entry.id   6SBO
#
_cell.length_a   101.430
_cell.length_b   57.710
_cell.length_c   87.800
_cell.angle_alpha   90.000
_cell.angle_beta   103.130
_cell.angle_gamma   90.000
#
_symmetry.space_group_name_H-M   'C 1 2 1'
#
loop_
_entity.id
_entity.type
_entity.pdbx_description
1 polymer 'Estrogen receptor'
2 non-polymer '6-(2,4-dichlorophenyl)-5-[4-[(3~{S})-1-(3-fluoranylpropyl)pyrrolidin-3-yl]oxyphenyl]-8,9-dihydro-7~{H}-benzo[7]annulene-2-carboxylic acid'
3 water water
#
_entity_poly.entity_id   1
_entity_poly.type   'polypeptide(L)'
_entity_poly.pdbx_seq_one_letter_code
;GAMIKRSKKNSLALSLTADQMVSALLDAEPPILYSEYDPTRPFSEASMMGLLTNLADRELVHMINWAKRVPGFVDLTLHD
QVHLLECAWLEILMIGLVWRSMEHPGKLLFAPNLLLDRNQGKCVEGMVEIFDMLLATSSRFRMMNLQGEEFVCLKSIILL
NSGVYTFLSSTLKSLEEKDHIHRVLDKITDTLIHLMAKAGLTLQQQHQRLAQLLLILSHIRHMSNKGMEHLYSMKCKNVV
PSYDLLLEMLDAHRLHAPTS
;
_entity_poly.pdbx_strand_id   A,B
#
loop_
_chem_comp.id
_chem_comp.type
_chem_comp.name
_chem_comp.formula
L5B non-polymer '6-(2,4-dichlorophenyl)-5-[4-[(3~{S})-1-(3-fluoranylpropyl)pyrrolidin-3-yl]oxyphenyl]-8,9-dihydro-7~{H}-benzo[7]annulene-2-carboxylic acid' 'C31 H30 Cl2 F N O3'
#
# COMPACT_ATOMS: atom_id res chain seq x y z
N LEU A 12 -23.90 14.30 -8.70
CA LEU A 12 -23.15 15.35 -9.38
C LEU A 12 -21.69 14.96 -9.63
N ALA A 13 -21.01 14.37 -8.62
CA ALA A 13 -19.61 13.94 -8.73
C ALA A 13 -19.39 12.91 -9.83
N LEU A 14 -20.31 11.93 -9.95
CA LEU A 14 -20.25 10.88 -10.95
C LEU A 14 -20.60 11.34 -12.37
N SER A 15 -21.14 12.57 -12.49
CA SER A 15 -21.52 13.13 -13.78
C SER A 15 -20.37 13.92 -14.42
N LEU A 16 -19.37 14.33 -13.60
CA LEU A 16 -18.21 15.09 -14.04
C LEU A 16 -17.44 14.39 -15.14
N THR A 17 -16.93 15.16 -16.12
CA THR A 17 -16.09 14.61 -17.19
C THR A 17 -14.66 14.58 -16.61
N ALA A 18 -13.73 13.94 -17.31
CA ALA A 18 -12.33 13.89 -16.88
C ALA A 18 -11.73 15.29 -16.74
N ASP A 19 -12.01 16.19 -17.70
CA ASP A 19 -11.52 17.57 -17.62
C ASP A 19 -12.10 18.30 -16.40
N GLN A 20 -13.39 18.08 -16.09
CA GLN A 20 -14.03 18.74 -14.95
C GLN A 20 -13.48 18.20 -13.63
N MET A 21 -13.13 16.90 -13.60
CA MET A 21 -12.53 16.27 -12.40
C MET A 21 -11.18 16.93 -12.14
N VAL A 22 -10.32 17.01 -13.19
CA VAL A 22 -8.98 17.62 -13.10
C VAL A 22 -9.13 19.05 -12.55
N SER A 23 -10.02 19.86 -13.17
CA SER A 23 -10.25 21.24 -12.78
C SER A 23 -10.71 21.37 -11.35
N ALA A 24 -11.67 20.52 -10.90
CA ALA A 24 -12.15 20.54 -9.53
C ALA A 24 -11.01 20.24 -8.55
N LEU A 25 -10.13 19.27 -8.90
CA LEU A 25 -9.03 18.94 -7.98
C LEU A 25 -7.97 20.04 -7.91
N LEU A 26 -7.61 20.62 -9.07
CA LEU A 26 -6.64 21.71 -9.11
C LEU A 26 -7.14 22.92 -8.31
N ASP A 27 -8.45 23.25 -8.43
CA ASP A 27 -9.10 24.36 -7.73
C ASP A 27 -9.16 24.13 -6.22
N ALA A 28 -9.30 22.85 -5.79
CA ALA A 28 -9.39 22.45 -4.39
C ALA A 28 -8.06 22.53 -3.64
N GLU A 29 -6.93 22.63 -4.35
CA GLU A 29 -5.59 22.59 -3.76
C GLU A 29 -5.39 23.49 -2.55
N PRO A 30 -4.89 22.95 -1.42
CA PRO A 30 -4.63 23.81 -0.28
C PRO A 30 -3.41 24.70 -0.55
N PRO A 31 -3.23 25.75 0.26
CA PRO A 31 -2.06 26.63 0.05
C PRO A 31 -0.76 26.03 0.56
N ILE A 32 0.37 26.61 0.14
CA ILE A 32 1.65 26.18 0.69
C ILE A 32 1.89 27.07 1.89
N LEU A 33 2.04 26.47 3.08
CA LEU A 33 2.24 27.20 4.32
C LEU A 33 3.70 27.39 4.67
N TYR A 34 3.95 28.36 5.55
CA TYR A 34 5.29 28.68 6.07
C TYR A 34 5.45 28.17 7.46
N SER A 35 6.70 27.87 7.84
CA SER A 35 7.02 27.39 9.17
C SER A 35 7.06 28.53 10.18
N GLU A 36 6.78 28.20 11.48
CA GLU A 36 6.84 28.99 12.74
C GLU A 36 5.63 29.90 12.93
N PHE A 43 18.47 23.82 15.96
CA PHE A 43 17.57 22.73 15.56
C PHE A 43 17.76 21.47 16.43
N SER A 44 17.45 21.59 17.74
CA SER A 44 17.51 20.46 18.68
C SER A 44 16.32 19.51 18.47
N GLU A 45 16.32 18.34 19.16
CA GLU A 45 15.25 17.33 19.12
C GLU A 45 13.90 18.04 19.40
N ALA A 46 13.85 18.85 20.48
CA ALA A 46 12.68 19.64 20.89
C ALA A 46 12.24 20.73 19.87
N SER A 47 13.21 21.53 19.35
CA SER A 47 12.93 22.62 18.40
C SER A 47 12.34 22.18 17.04
N MET A 48 13.05 21.31 16.32
CA MET A 48 12.60 20.83 15.00
C MET A 48 11.25 20.10 15.10
N MET A 49 11.08 19.24 16.13
CA MET A 49 9.80 18.53 16.35
C MET A 49 8.68 19.52 16.55
N GLY A 50 8.92 20.58 17.32
CA GLY A 50 7.95 21.64 17.55
C GLY A 50 7.48 22.28 16.28
N LEU A 51 8.45 22.64 15.38
CA LEU A 51 8.15 23.25 14.10
C LEU A 51 7.36 22.28 13.21
N LEU A 52 7.75 20.99 13.19
CA LEU A 52 7.07 19.98 12.37
C LEU A 52 5.65 19.67 12.84
N THR A 53 5.47 19.56 14.16
CA THR A 53 4.17 19.32 14.76
C THR A 53 3.23 20.49 14.47
N ASN A 54 3.71 21.75 14.68
CA ASN A 54 2.93 22.94 14.40
C ASN A 54 2.55 23.02 12.92
N LEU A 55 3.50 22.69 11.99
CA LEU A 55 3.22 22.72 10.57
C LEU A 55 2.17 21.67 10.21
N ALA A 56 2.33 20.44 10.74
CA ALA A 56 1.35 19.37 10.43
C ALA A 56 -0.05 19.80 10.87
N ASP A 57 -0.15 20.37 12.07
CA ASP A 57 -1.42 20.83 12.64
C ASP A 57 -2.06 21.94 11.80
N ARG A 58 -1.26 22.91 11.29
CA ARG A 58 -1.82 23.96 10.41
C ARG A 58 -2.22 23.41 9.05
N GLU A 59 -1.46 22.43 8.52
CA GLU A 59 -1.81 21.85 7.23
C GLU A 59 -3.09 21.02 7.36
N LEU A 60 -3.31 20.39 8.53
CA LEU A 60 -4.51 19.56 8.77
C LEU A 60 -5.79 20.38 8.58
N VAL A 61 -5.78 21.62 9.07
CA VAL A 61 -6.94 22.51 8.93
C VAL A 61 -7.27 22.71 7.47
N HIS A 62 -6.26 23.02 6.64
CA HIS A 62 -6.50 23.20 5.21
C HIS A 62 -6.83 21.86 4.53
N MET A 63 -6.33 20.73 5.06
CA MET A 63 -6.60 19.42 4.44
C MET A 63 -8.09 19.11 4.53
N ILE A 64 -8.71 19.44 5.68
CA ILE A 64 -10.14 19.19 5.89
C ILE A 64 -10.93 19.99 4.86
N ASN A 65 -10.59 21.28 4.65
CA ASN A 65 -11.25 22.08 3.63
C ASN A 65 -11.05 21.53 2.22
N TRP A 66 -9.82 21.03 1.91
CA TRP A 66 -9.51 20.42 0.62
C TRP A 66 -10.37 19.17 0.44
N ALA A 67 -10.45 18.31 1.47
CA ALA A 67 -11.21 17.04 1.38
C ALA A 67 -12.66 17.30 1.02
N LYS A 68 -13.24 18.33 1.62
CA LYS A 68 -14.62 18.72 1.35
C LYS A 68 -14.86 19.14 -0.11
N ARG A 69 -13.78 19.52 -0.83
CA ARG A 69 -13.86 19.91 -2.23
C ARG A 69 -13.54 18.78 -3.19
N VAL A 70 -13.13 17.59 -2.67
CA VAL A 70 -12.86 16.44 -3.53
C VAL A 70 -14.22 15.91 -3.98
N PRO A 71 -14.53 15.89 -5.29
CA PRO A 71 -15.86 15.42 -5.74
C PRO A 71 -16.29 14.09 -5.14
N GLY A 72 -17.50 14.08 -4.58
CA GLY A 72 -18.04 12.89 -3.96
C GLY A 72 -17.78 12.70 -2.48
N PHE A 73 -16.75 13.38 -1.92
CA PHE A 73 -16.43 13.22 -0.50
C PHE A 73 -17.58 13.66 0.44
N VAL A 74 -18.18 14.85 0.18
CA VAL A 74 -19.25 15.36 1.07
C VAL A 74 -20.56 14.60 0.91
N ASP A 75 -20.65 13.70 -0.10
CA ASP A 75 -21.83 12.86 -0.26
C ASP A 75 -21.85 11.75 0.78
N LEU A 76 -20.71 11.51 1.43
CA LEU A 76 -20.59 10.48 2.45
C LEU A 76 -21.15 10.97 3.75
N THR A 77 -21.41 10.04 4.68
CA THR A 77 -21.81 10.41 6.03
C THR A 77 -20.61 11.08 6.71
N LEU A 78 -20.87 11.95 7.71
N LEU A 78 -20.88 11.90 7.72
CA LEU A 78 -19.79 12.61 8.43
CA LEU A 78 -19.86 12.59 8.50
C LEU A 78 -18.91 11.59 9.19
C LEU A 78 -18.92 11.59 9.17
N HIS A 79 -19.49 10.49 9.74
CA HIS A 79 -18.73 9.41 10.39
C HIS A 79 -17.74 8.79 9.37
N ASP A 80 -18.19 8.56 8.11
CA ASP A 80 -17.30 8.00 7.07
C ASP A 80 -16.24 9.00 6.61
N GLN A 81 -16.60 10.27 6.56
CA GLN A 81 -15.63 11.31 6.19
C GLN A 81 -14.52 11.37 7.25
N VAL A 82 -14.90 11.31 8.56
CA VAL A 82 -13.95 11.29 9.67
C VAL A 82 -13.04 10.06 9.54
N HIS A 83 -13.64 8.89 9.31
CA HIS A 83 -12.89 7.63 9.18
C HIS A 83 -11.83 7.70 8.08
N LEU A 84 -12.21 8.21 6.90
CA LEU A 84 -11.26 8.32 5.77
C LEU A 84 -10.11 9.26 6.16
N LEU A 85 -10.43 10.39 6.82
CA LEU A 85 -9.37 11.32 7.22
C LEU A 85 -8.51 10.78 8.33
N GLU A 86 -9.10 10.06 9.31
CA GLU A 86 -8.29 9.45 10.37
C GLU A 86 -7.26 8.48 9.78
N CYS A 87 -7.64 7.74 8.73
N CYS A 87 -7.65 7.74 8.76
CA CYS A 87 -6.77 6.76 8.09
CA CYS A 87 -6.78 6.76 8.16
C CYS A 87 -5.71 7.39 7.24
C CYS A 87 -5.72 7.39 7.27
N ALA A 88 -6.10 8.39 6.45
CA ALA A 88 -5.23 9.00 5.43
C ALA A 88 -4.45 10.27 5.77
N TRP A 89 -4.71 10.96 6.91
CA TRP A 89 -4.11 12.28 7.14
C TRP A 89 -2.58 12.32 6.94
N LEU A 90 -1.86 11.35 7.50
CA LEU A 90 -0.40 11.37 7.40
C LEU A 90 0.08 11.02 5.98
N GLU A 91 -0.58 10.07 5.29
CA GLU A 91 -0.25 9.76 3.90
C GLU A 91 -0.45 11.04 3.05
N ILE A 92 -1.52 11.80 3.33
CA ILE A 92 -1.81 13.03 2.59
C ILE A 92 -0.75 14.09 2.86
N LEU A 93 -0.37 14.29 4.13
CA LEU A 93 0.73 15.22 4.44
C LEU A 93 2.00 14.80 3.70
N MET A 94 2.30 13.48 3.77
CA MET A 94 3.54 12.98 3.14
C MET A 94 3.57 13.10 1.63
N ILE A 95 2.46 12.78 0.92
CA ILE A 95 2.47 12.92 -0.53
C ILE A 95 2.66 14.40 -0.92
N GLY A 96 2.07 15.30 -0.12
CA GLY A 96 2.23 16.75 -0.34
C GLY A 96 3.68 17.16 -0.17
N LEU A 97 4.30 16.67 0.90
CA LEU A 97 5.70 16.94 1.20
C LEU A 97 6.60 16.44 0.08
N VAL A 98 6.34 15.21 -0.39
CA VAL A 98 7.15 14.62 -1.47
C VAL A 98 7.00 15.45 -2.76
N TRP A 99 5.77 15.89 -3.05
CA TRP A 99 5.51 16.73 -4.22
C TRP A 99 6.26 18.06 -4.14
N ARG A 100 6.23 18.72 -2.98
CA ARG A 100 6.91 20.03 -2.81
C ARG A 100 8.43 19.86 -2.93
N SER A 101 8.92 18.68 -2.56
CA SER A 101 10.39 18.37 -2.52
C SER A 101 10.92 17.85 -3.84
N MET A 102 10.03 17.53 -4.80
CA MET A 102 10.39 16.89 -6.07
C MET A 102 11.56 17.57 -6.80
N GLU A 103 11.54 18.91 -6.87
CA GLU A 103 12.59 19.65 -7.61
C GLU A 103 13.76 20.11 -6.72
N HIS A 104 13.94 19.49 -5.54
CA HIS A 104 14.99 19.80 -4.57
C HIS A 104 15.70 18.49 -4.20
N PRO A 105 16.53 17.92 -5.11
CA PRO A 105 17.19 16.66 -4.79
C PRO A 105 17.92 16.66 -3.46
N GLY A 106 17.70 15.59 -2.70
CA GLY A 106 18.32 15.42 -1.38
C GLY A 106 17.76 16.27 -0.25
N LYS A 107 16.66 16.99 -0.49
CA LYS A 107 16.08 17.82 0.56
C LYS A 107 14.57 17.65 0.64
N LEU A 108 14.04 17.88 1.82
CA LEU A 108 12.60 17.82 2.05
C LEU A 108 12.12 19.24 2.31
N LEU A 109 11.28 19.74 1.41
CA LEU A 109 10.74 21.11 1.52
C LEU A 109 9.47 21.06 2.37
N PHE A 110 9.67 21.07 3.70
CA PHE A 110 8.54 21.13 4.65
C PHE A 110 7.76 22.40 4.44
N ALA A 111 8.49 23.49 4.19
CA ALA A 111 7.92 24.80 3.90
C ALA A 111 9.00 25.58 3.15
N PRO A 112 8.63 26.67 2.43
CA PRO A 112 9.69 27.43 1.72
C PRO A 112 10.82 27.92 2.62
N ASN A 113 10.56 28.08 3.92
CA ASN A 113 11.53 28.50 4.93
C ASN A 113 11.95 27.34 5.85
N LEU A 114 11.72 26.08 5.43
CA LEU A 114 12.13 24.93 6.23
C LEU A 114 12.47 23.79 5.25
N LEU A 115 13.69 23.86 4.67
CA LEU A 115 14.19 22.88 3.70
C LEU A 115 15.19 22.09 4.48
N LEU A 116 14.92 20.80 4.69
CA LEU A 116 15.79 19.98 5.54
C LEU A 116 16.48 18.85 4.77
N ASP A 117 17.67 18.45 5.23
CA ASP A 117 18.36 17.31 4.60
C ASP A 117 18.31 16.09 5.54
N ARG A 118 18.81 14.91 5.09
CA ARG A 118 18.73 13.71 5.93
C ARG A 118 19.47 13.84 7.27
N ASN A 119 20.63 14.55 7.31
CA ASN A 119 21.41 14.77 8.54
C ASN A 119 20.60 15.49 9.60
N GLN A 120 19.75 16.43 9.16
CA GLN A 120 18.86 17.18 10.05
C GLN A 120 17.78 16.27 10.66
N GLY A 121 17.57 15.10 10.05
CA GLY A 121 16.67 14.06 10.53
C GLY A 121 17.25 13.32 11.72
N LYS A 122 18.60 13.32 11.87
CA LYS A 122 19.33 12.66 12.97
C LYS A 122 18.95 13.24 14.34
N CYS A 123 18.40 14.45 14.35
CA CYS A 123 17.96 15.17 15.54
C CYS A 123 16.91 14.42 16.38
N VAL A 124 16.01 13.61 15.73
CA VAL A 124 14.94 12.87 16.42
C VAL A 124 14.97 11.35 16.11
N GLU A 125 14.54 10.52 17.09
CA GLU A 125 14.47 9.06 17.00
C GLU A 125 13.59 8.52 15.86
N GLY A 126 14.20 7.76 14.97
CA GLY A 126 13.55 7.16 13.81
C GLY A 126 13.27 8.11 12.67
N MET A 127 13.59 9.41 12.86
CA MET A 127 13.31 10.38 11.82
C MET A 127 14.17 10.21 10.55
N VAL A 128 15.46 9.80 10.65
CA VAL A 128 16.27 9.61 9.43
C VAL A 128 15.69 8.55 8.52
N GLU A 129 15.21 7.43 9.10
CA GLU A 129 14.62 6.35 8.33
C GLU A 129 13.43 6.90 7.53
N ILE A 130 12.56 7.69 8.20
CA ILE A 130 11.39 8.32 7.56
C ILE A 130 11.87 9.30 6.47
N PHE A 131 12.85 10.15 6.80
CA PHE A 131 13.41 11.08 5.82
C PHE A 131 13.94 10.36 4.60
N ASP A 132 14.70 9.26 4.79
CA ASP A 132 15.26 8.52 3.64
C ASP A 132 14.16 7.96 2.75
N MET A 133 13.08 7.45 3.35
CA MET A 133 11.98 6.90 2.55
C MET A 133 11.27 8.01 1.77
N LEU A 134 11.10 9.18 2.40
CA LEU A 134 10.46 10.32 1.73
C LEU A 134 11.33 10.85 0.59
N LEU A 135 12.65 10.93 0.81
CA LEU A 135 13.59 11.37 -0.23
C LEU A 135 13.60 10.39 -1.43
N ALA A 136 13.49 9.07 -1.17
CA ALA A 136 13.42 8.06 -2.24
C ALA A 136 12.12 8.21 -3.05
N THR A 137 11.03 8.60 -2.38
CA THR A 137 9.76 8.82 -3.07
C THR A 137 9.86 10.07 -3.97
N SER A 138 10.49 11.13 -3.46
CA SER A 138 10.69 12.35 -4.22
C SER A 138 11.52 12.01 -5.49
N SER A 139 12.58 11.20 -5.31
N SER A 139 12.58 11.20 -5.31
CA SER A 139 13.43 10.72 -6.40
CA SER A 139 13.44 10.73 -6.41
C SER A 139 12.61 9.97 -7.44
C SER A 139 12.62 9.95 -7.44
N ARG A 140 11.71 9.08 -6.98
CA ARG A 140 10.85 8.30 -7.87
C ARG A 140 9.92 9.22 -8.67
N PHE A 141 9.34 10.27 -8.01
CA PHE A 141 8.46 11.24 -8.68
C PHE A 141 9.25 11.97 -9.76
N ARG A 142 10.49 12.34 -9.43
CA ARG A 142 11.38 13.05 -10.34
C ARG A 142 11.70 12.16 -11.56
N MET A 143 12.05 10.88 -11.33
CA MET A 143 12.35 9.89 -12.37
C MET A 143 11.16 9.72 -13.33
N MET A 144 9.94 9.71 -12.78
CA MET A 144 8.72 9.54 -13.56
C MET A 144 8.24 10.84 -14.20
N ASN A 145 8.83 11.97 -13.83
CA ASN A 145 8.41 13.31 -14.25
C ASN A 145 6.90 13.50 -13.93
N LEU A 146 6.54 13.24 -12.67
CA LEU A 146 5.16 13.36 -12.20
C LEU A 146 4.64 14.78 -12.46
N GLN A 147 3.45 14.86 -13.06
CA GLN A 147 2.77 16.11 -13.37
C GLN A 147 1.81 16.52 -12.25
N GLY A 148 1.61 17.83 -12.10
CA GLY A 148 0.73 18.38 -11.07
C GLY A 148 -0.67 17.82 -11.13
N GLU A 149 -1.18 17.61 -12.36
CA GLU A 149 -2.53 17.06 -12.58
C GLU A 149 -2.60 15.59 -12.09
N GLU A 150 -1.49 14.84 -12.22
CA GLU A 150 -1.43 13.44 -11.76
C GLU A 150 -1.36 13.43 -10.23
N PHE A 151 -0.53 14.31 -9.65
CA PHE A 151 -0.37 14.44 -8.20
C PHE A 151 -1.73 14.66 -7.52
N VAL A 152 -2.56 15.63 -8.02
CA VAL A 152 -3.85 15.89 -7.38
C VAL A 152 -4.77 14.67 -7.47
N CYS A 153 -4.69 13.89 -8.56
CA CYS A 153 -5.48 12.64 -8.67
C CYS A 153 -5.01 11.64 -7.60
N LEU A 154 -3.69 11.44 -7.48
CA LEU A 154 -3.15 10.48 -6.50
C LEU A 154 -3.50 10.85 -5.08
N LYS A 155 -3.40 12.16 -4.74
CA LYS A 155 -3.74 12.61 -3.39
C LYS A 155 -5.24 12.33 -3.06
N SER A 156 -6.13 12.53 -4.06
CA SER A 156 -7.57 12.27 -3.91
C SER A 156 -7.82 10.76 -3.75
N ILE A 157 -7.05 9.97 -4.49
CA ILE A 157 -7.15 8.50 -4.40
C ILE A 157 -6.79 8.05 -2.98
N ILE A 158 -5.71 8.59 -2.38
CA ILE A 158 -5.33 8.23 -1.01
C ILE A 158 -6.48 8.52 -0.06
N LEU A 159 -7.05 9.73 -0.17
CA LEU A 159 -8.16 10.08 0.69
C LEU A 159 -9.31 9.07 0.63
N LEU A 160 -9.73 8.67 -0.58
CA LEU A 160 -10.91 7.80 -0.72
C LEU A 160 -10.59 6.32 -0.51
N ASN A 161 -9.35 5.91 -0.82
CA ASN A 161 -9.00 4.49 -0.73
C ASN A 161 -8.50 4.03 0.59
N SER A 162 -7.64 4.81 1.27
CA SER A 162 -6.93 4.30 2.41
C SER A 162 -7.83 3.70 3.49
N GLY A 163 -8.91 4.37 3.82
CA GLY A 163 -9.82 3.94 4.87
C GLY A 163 -11.02 3.11 4.45
N VAL A 164 -11.26 2.91 3.13
CA VAL A 164 -12.47 2.23 2.62
C VAL A 164 -12.53 0.75 3.09
N TYR A 165 -11.37 0.12 3.33
CA TYR A 165 -11.26 -1.30 3.73
C TYR A 165 -11.52 -1.56 5.22
N THR A 166 -11.61 -0.49 6.02
CA THR A 166 -11.80 -0.63 7.47
C THR A 166 -13.11 0.01 8.00
N PHE A 167 -14.15 0.13 7.15
CA PHE A 167 -15.45 0.63 7.60
C PHE A 167 -16.04 -0.43 8.58
N LEU A 168 -16.08 -1.70 8.11
CA LEU A 168 -16.45 -2.97 8.78
C LEU A 168 -17.89 -3.13 9.25
N SER A 169 -18.64 -2.04 9.55
CA SER A 169 -20.04 -2.10 10.05
C SER A 169 -20.98 -3.00 9.22
N SER A 170 -20.71 -3.12 7.90
CA SER A 170 -21.46 -3.90 6.90
C SER A 170 -22.97 -3.59 6.90
N THR A 171 -23.35 -2.37 7.33
CA THR A 171 -24.74 -1.89 7.34
C THR A 171 -25.13 -1.60 5.87
N LEU A 172 -26.43 -1.50 5.58
CA LEU A 172 -26.87 -1.17 4.21
C LEU A 172 -26.28 0.19 3.80
N LYS A 173 -26.21 1.14 4.74
CA LYS A 173 -25.64 2.45 4.49
C LYS A 173 -24.17 2.33 4.12
N SER A 174 -23.42 1.50 4.86
CA SER A 174 -21.98 1.31 4.61
C SER A 174 -21.74 0.71 3.23
N LEU A 175 -22.61 -0.24 2.81
CA LEU A 175 -22.53 -0.84 1.46
C LEU A 175 -22.72 0.22 0.38
N GLU A 176 -23.68 1.14 0.58
CA GLU A 176 -23.98 2.25 -0.34
C GLU A 176 -22.78 3.20 -0.40
N GLU A 177 -22.17 3.49 0.76
CA GLU A 177 -20.98 4.37 0.89
C GLU A 177 -19.79 3.76 0.15
N LYS A 178 -19.55 2.46 0.32
CA LYS A 178 -18.41 1.79 -0.35
C LYS A 178 -18.57 1.79 -1.86
N ASP A 179 -19.80 1.55 -2.35
CA ASP A 179 -20.09 1.58 -3.77
C ASP A 179 -19.83 2.98 -4.34
N HIS A 180 -20.27 4.03 -3.61
CA HIS A 180 -20.07 5.42 -4.02
C HIS A 180 -18.57 5.71 -4.12
N ILE A 181 -17.80 5.35 -3.08
CA ILE A 181 -16.33 5.55 -3.05
C ILE A 181 -15.68 4.87 -4.25
N HIS A 182 -16.06 3.62 -4.53
CA HIS A 182 -15.47 2.89 -5.65
C HIS A 182 -15.84 3.50 -7.01
N ARG A 183 -17.05 4.10 -7.12
CA ARG A 183 -17.44 4.78 -8.36
C ARG A 183 -16.63 6.07 -8.54
N VAL A 184 -16.38 6.81 -7.44
CA VAL A 184 -15.60 8.03 -7.53
C VAL A 184 -14.15 7.64 -7.88
N LEU A 185 -13.62 6.61 -7.21
CA LEU A 185 -12.26 6.13 -7.54
C LEU A 185 -12.13 5.73 -9.02
N ASP A 186 -13.16 5.06 -9.59
CA ASP A 186 -13.18 4.71 -11.01
C ASP A 186 -13.14 5.94 -11.93
N LYS A 187 -13.85 7.02 -11.56
CA LYS A 187 -13.83 8.29 -12.30
C LYS A 187 -12.42 8.89 -12.25
N ILE A 188 -11.74 8.78 -11.06
CA ILE A 188 -10.36 9.30 -10.94
C ILE A 188 -9.42 8.49 -11.83
N THR A 189 -9.62 7.17 -11.92
CA THR A 189 -8.80 6.32 -12.82
C THR A 189 -8.99 6.80 -14.28
N ASP A 190 -10.26 7.02 -14.68
CA ASP A 190 -10.61 7.49 -16.03
C ASP A 190 -9.90 8.82 -16.30
N THR A 191 -9.87 9.69 -15.28
CA THR A 191 -9.23 11.01 -15.32
C THR A 191 -7.71 10.87 -15.54
N LEU A 192 -7.06 9.96 -14.77
CA LEU A 192 -5.62 9.69 -14.91
C LEU A 192 -5.31 9.21 -16.34
N ILE A 193 -6.11 8.26 -16.85
CA ILE A 193 -5.94 7.70 -18.20
C ILE A 193 -6.10 8.83 -19.24
N HIS A 194 -7.11 9.71 -19.07
CA HIS A 194 -7.36 10.87 -19.96
C HIS A 194 -6.12 11.77 -20.03
N LEU A 195 -5.55 12.11 -18.87
CA LEU A 195 -4.36 12.95 -18.77
C LEU A 195 -3.19 12.35 -19.53
N MET A 196 -2.98 11.04 -19.38
CA MET A 196 -1.88 10.31 -20.04
C MET A 196 -2.09 10.24 -21.55
N ALA A 197 -3.35 10.06 -21.99
CA ALA A 197 -3.75 10.00 -23.40
C ALA A 197 -3.52 11.37 -24.05
N LYS A 198 -3.84 12.48 -23.32
CA LYS A 198 -3.65 13.87 -23.77
C LYS A 198 -2.16 14.21 -23.92
N ALA A 199 -1.30 13.59 -23.05
CA ALA A 199 0.16 13.74 -23.03
C ALA A 199 0.85 12.96 -24.16
N GLY A 200 0.05 12.25 -24.98
CA GLY A 200 0.55 11.49 -26.12
C GLY A 200 1.07 10.09 -25.84
N LEU A 201 0.77 9.52 -24.64
CA LEU A 201 1.23 8.15 -24.36
C LEU A 201 0.39 7.14 -25.12
N THR A 202 1.00 6.01 -25.53
CA THR A 202 0.27 4.92 -26.20
C THR A 202 -0.60 4.22 -25.14
N LEU A 203 -1.59 3.40 -25.57
CA LEU A 203 -2.44 2.65 -24.64
C LEU A 203 -1.60 1.80 -23.67
N GLN A 204 -0.56 1.12 -24.21
CA GLN A 204 0.35 0.31 -23.42
C GLN A 204 1.06 1.17 -22.36
N GLN A 205 1.57 2.34 -22.76
CA GLN A 205 2.27 3.29 -21.88
C GLN A 205 1.34 3.84 -20.80
N GLN A 206 0.08 4.11 -21.18
CA GLN A 206 -0.97 4.59 -20.26
C GLN A 206 -1.22 3.58 -19.14
N HIS A 207 -1.42 2.30 -19.48
N HIS A 207 -1.43 2.28 -19.48
CA HIS A 207 -1.65 1.27 -18.47
CA HIS A 207 -1.68 1.29 -18.42
C HIS A 207 -0.41 1.09 -17.57
C HIS A 207 -0.41 1.05 -17.57
N GLN A 208 0.79 1.10 -18.17
CA GLN A 208 2.05 0.93 -17.43
C GLN A 208 2.26 2.09 -16.45
N ARG A 209 2.02 3.34 -16.90
CA ARG A 209 2.19 4.51 -16.04
C ARG A 209 1.12 4.55 -14.91
N LEU A 210 -0.12 4.16 -15.22
CA LEU A 210 -1.18 4.10 -14.21
C LEU A 210 -0.72 3.16 -13.08
N ALA A 211 -0.22 1.96 -13.45
CA ALA A 211 0.28 1.00 -12.47
C ALA A 211 1.45 1.57 -11.66
N GLN A 212 2.42 2.21 -12.33
CA GLN A 212 3.58 2.78 -11.66
C GLN A 212 3.16 3.80 -10.60
N LEU A 213 2.20 4.68 -10.96
CA LEU A 213 1.70 5.69 -10.03
C LEU A 213 0.97 5.05 -8.85
N LEU A 214 0.08 4.08 -9.13
CA LEU A 214 -0.66 3.47 -8.03
C LEU A 214 0.20 2.61 -7.09
N LEU A 215 1.30 2.02 -7.61
CA LEU A 215 2.19 1.24 -6.75
C LEU A 215 2.95 2.10 -5.77
N ILE A 216 3.18 3.38 -6.12
CA ILE A 216 3.84 4.29 -5.18
C ILE A 216 2.95 4.52 -3.95
N LEU A 217 1.62 4.40 -4.10
CA LEU A 217 0.71 4.55 -2.95
C LEU A 217 0.97 3.52 -1.85
N SER A 218 1.43 2.31 -2.22
N SER A 218 1.44 2.32 -2.23
N SER A 218 1.43 2.31 -2.21
CA SER A 218 1.77 1.29 -1.22
CA SER A 218 1.80 1.27 -1.27
CA SER A 218 1.75 1.31 -1.17
C SER A 218 2.98 1.73 -0.40
C SER A 218 2.95 1.76 -0.41
C SER A 218 2.96 1.77 -0.37
N HIS A 219 3.94 2.44 -1.03
CA HIS A 219 5.13 2.96 -0.33
C HIS A 219 4.66 4.15 0.59
N ILE A 220 3.73 4.97 0.11
CA ILE A 220 3.22 6.08 0.92
C ILE A 220 2.52 5.52 2.16
N ARG A 221 1.73 4.45 2.01
CA ARG A 221 1.10 3.80 3.17
C ARG A 221 2.18 3.33 4.15
N HIS A 222 3.23 2.66 3.61
CA HIS A 222 4.33 2.19 4.45
C HIS A 222 4.94 3.33 5.28
N MET A 223 5.22 4.47 4.62
CA MET A 223 5.83 5.60 5.34
C MET A 223 4.92 6.17 6.43
N SER A 224 3.63 6.28 6.13
CA SER A 224 2.65 6.77 7.10
C SER A 224 2.62 5.83 8.31
N ASN A 225 2.59 4.50 8.07
CA ASN A 225 2.62 3.59 9.23
C ASN A 225 3.89 3.73 10.06
N LYS A 226 5.06 3.83 9.38
N LYS A 226 5.06 3.82 9.40
CA LYS A 226 6.37 3.98 10.00
CA LYS A 226 6.35 3.96 10.07
C LYS A 226 6.45 5.26 10.82
C LYS A 226 6.38 5.26 10.87
N GLY A 227 5.92 6.36 10.26
CA GLY A 227 5.90 7.67 10.90
C GLY A 227 5.05 7.66 12.16
N MET A 228 3.83 7.09 12.03
CA MET A 228 2.94 6.98 13.18
C MET A 228 3.53 6.13 14.31
N GLU A 229 4.18 5.00 13.98
CA GLU A 229 4.85 4.13 14.96
C GLU A 229 5.86 4.93 15.79
N HIS A 230 6.68 5.77 15.10
CA HIS A 230 7.71 6.56 15.75
C HIS A 230 7.12 7.71 16.57
N LEU A 231 6.00 8.31 16.10
CA LEU A 231 5.30 9.37 16.83
C LEU A 231 4.79 8.79 18.17
N TYR A 232 4.22 7.56 18.16
CA TYR A 232 3.75 6.90 19.40
C TYR A 232 4.90 6.55 20.36
N SER A 233 6.05 6.12 19.82
CA SER A 233 7.25 5.78 20.63
C SER A 233 7.76 6.99 21.45
N MET A 234 7.54 8.22 20.94
CA MET A 234 7.93 9.49 21.57
C MET A 234 7.06 9.85 22.78
N LYS A 235 5.87 9.22 22.90
CA LYS A 235 4.84 9.35 23.94
C LYS A 235 4.51 10.82 24.34
N CYS A 236 3.71 11.46 23.48
CA CYS A 236 3.19 12.83 23.65
C CYS A 236 1.69 12.68 24.00
N LYS A 237 1.06 13.75 24.51
CA LYS A 237 -0.38 13.72 24.85
C LYS A 237 -1.24 13.48 23.58
N ASN A 238 -1.08 14.35 22.55
CA ASN A 238 -1.80 14.27 21.29
C ASN A 238 -0.89 13.75 20.19
N VAL A 239 -1.20 12.55 19.63
CA VAL A 239 -0.40 11.86 18.61
C VAL A 239 -1.10 11.89 17.22
N VAL A 240 -2.35 11.41 17.15
CA VAL A 240 -3.23 11.38 15.97
C VAL A 240 -4.35 12.42 16.16
N PRO A 241 -4.92 13.03 15.08
CA PRO A 241 -6.08 13.90 15.28
C PRO A 241 -7.21 12.98 15.75
N SER A 242 -7.79 13.28 16.91
CA SER A 242 -8.86 12.45 17.45
C SER A 242 -10.12 12.51 16.55
N TYR A 243 -11.05 11.52 16.69
CA TYR A 243 -12.33 11.45 15.96
C TYR A 243 -13.06 12.77 16.20
N ASP A 244 -13.13 13.22 17.48
CA ASP A 244 -13.82 14.44 17.85
C ASP A 244 -13.23 15.68 17.21
N LEU A 245 -11.89 15.78 17.16
CA LEU A 245 -11.26 16.92 16.54
C LEU A 245 -11.58 16.98 15.06
N LEU A 246 -11.46 15.83 14.35
CA LEU A 246 -11.77 15.80 12.92
C LEU A 246 -13.24 16.11 12.66
N LEU A 247 -14.14 15.53 13.49
CA LEU A 247 -15.57 15.79 13.40
C LEU A 247 -15.85 17.25 13.65
N GLU A 248 -15.22 17.84 14.69
CA GLU A 248 -15.35 19.26 14.98
C GLU A 248 -15.04 20.08 13.72
N MET A 249 -13.89 19.84 13.04
N MET A 249 -13.90 19.81 13.04
CA MET A 249 -13.55 20.58 11.81
CA MET A 249 -13.51 20.53 11.82
C MET A 249 -14.43 20.24 10.62
C MET A 249 -14.40 20.23 10.63
N LEU A 250 -14.81 18.96 10.46
CA LEU A 250 -15.64 18.52 9.33
C LEU A 250 -17.10 18.86 9.53
N ASP A 251 -17.61 18.66 10.77
CA ASP A 251 -18.98 18.91 11.26
C ASP A 251 -19.21 20.40 11.35
N ALA A 252 -19.31 21.03 10.19
CA ALA A 252 -19.50 22.46 10.10
C ALA A 252 -20.98 22.83 10.15
N HIS A 253 -21.27 24.06 10.59
CA HIS A 253 -22.61 24.58 10.61
C HIS A 253 -22.80 25.43 9.32
N ARG A 254 -24.03 25.83 9.00
CA ARG A 254 -24.29 26.61 7.80
C ARG A 254 -24.49 28.10 8.13
N LEU A 255 -23.79 28.59 9.18
CA LEU A 255 -23.92 29.97 9.66
C LEU A 255 -22.76 30.92 9.28
N HIS A 256 -22.04 30.66 8.14
CA HIS A 256 -20.96 31.56 7.69
C HIS A 256 -21.06 31.91 6.20
N LEU B 12 15.79 -12.73 -20.93
CA LEU B 12 14.81 -13.78 -21.18
C LEU B 12 13.43 -13.46 -20.59
N ALA B 13 13.39 -12.94 -19.36
CA ALA B 13 12.14 -12.58 -18.68
C ALA B 13 11.35 -11.52 -19.44
N LEU B 14 12.04 -10.49 -19.96
CA LEU B 14 11.42 -9.39 -20.71
C LEU B 14 10.98 -9.79 -22.10
N SER B 15 11.39 -10.99 -22.57
CA SER B 15 11.04 -11.49 -23.90
C SER B 15 9.75 -12.33 -23.87
N LEU B 16 9.34 -12.79 -22.66
CA LEU B 16 8.12 -13.59 -22.46
C LEU B 16 6.88 -12.86 -22.94
N THR B 17 5.94 -13.60 -23.54
CA THR B 17 4.66 -13.00 -23.95
C THR B 17 3.78 -13.00 -22.70
N ALA B 18 2.63 -12.31 -22.77
CA ALA B 18 1.69 -12.27 -21.64
C ALA B 18 1.22 -13.67 -21.25
N ASP B 19 0.92 -14.53 -22.26
CA ASP B 19 0.51 -15.92 -22.01
C ASP B 19 1.61 -16.73 -21.34
N GLN B 20 2.89 -16.52 -21.75
CA GLN B 20 4.02 -17.23 -21.16
C GLN B 20 4.28 -16.78 -19.73
N MET B 21 4.07 -15.49 -19.46
CA MET B 21 4.18 -14.92 -18.11
C MET B 21 3.14 -15.56 -17.19
N VAL B 22 1.85 -15.60 -17.62
CA VAL B 22 0.75 -16.22 -16.86
C VAL B 22 1.10 -17.67 -16.54
N SER B 23 1.51 -18.45 -17.58
CA SER B 23 1.87 -19.86 -17.41
C SER B 23 3.02 -20.04 -16.43
N ALA B 24 4.09 -19.22 -16.54
CA ALA B 24 5.23 -19.28 -15.63
C ALA B 24 4.78 -19.01 -14.18
N LEU B 25 3.87 -18.04 -13.98
CA LEU B 25 3.43 -17.75 -12.61
C LEU B 25 2.54 -18.86 -12.03
N LEU B 26 1.62 -19.39 -12.83
CA LEU B 26 0.75 -20.47 -12.38
C LEU B 26 1.57 -21.72 -12.01
N ASP B 27 2.60 -22.04 -12.83
CA ASP B 27 3.50 -23.18 -12.60
C ASP B 27 4.37 -23.00 -11.34
N ALA B 28 4.73 -21.74 -11.01
CA ALA B 28 5.55 -21.38 -9.85
C ALA B 28 4.83 -21.48 -8.52
N GLU B 29 3.49 -21.58 -8.51
CA GLU B 29 2.68 -21.55 -7.30
C GLU B 29 3.13 -22.49 -6.18
N PRO B 30 3.30 -21.99 -4.94
CA PRO B 30 3.70 -22.88 -3.84
C PRO B 30 2.54 -23.77 -3.41
N PRO B 31 2.84 -24.85 -2.65
CA PRO B 31 1.76 -25.75 -2.22
C PRO B 31 0.96 -25.19 -1.08
N ILE B 32 -0.21 -25.78 -0.84
CA ILE B 32 -1.02 -25.41 0.32
C ILE B 32 -0.57 -26.33 1.45
N LEU B 33 -0.08 -25.75 2.54
CA LEU B 33 0.42 -26.51 3.68
C LEU B 33 -0.64 -26.73 4.74
N TYR B 34 -0.40 -27.71 5.62
CA TYR B 34 -1.28 -28.03 6.73
C TYR B 34 -0.66 -27.56 8.03
N SER B 35 -1.48 -27.12 8.99
CA SER B 35 -0.99 -26.71 10.30
C SER B 35 -0.53 -27.99 11.07
N GLU B 36 0.65 -27.93 11.72
CA GLU B 36 1.21 -29.05 12.48
C GLU B 36 0.69 -29.12 13.91
N TYR B 37 -0.31 -29.96 14.15
CA TYR B 37 -0.85 -30.14 15.50
C TYR B 37 -1.48 -31.52 15.61
N ASP B 38 -1.60 -32.05 16.84
CA ASP B 38 -2.22 -33.34 17.08
C ASP B 38 -3.75 -33.09 17.03
N PRO B 39 -4.45 -33.61 15.99
CA PRO B 39 -5.91 -33.35 15.90
C PRO B 39 -6.76 -34.23 16.82
N THR B 40 -6.10 -35.11 17.62
CA THR B 40 -6.76 -36.01 18.59
C THR B 40 -6.80 -35.35 19.96
N ARG B 41 -5.93 -34.33 20.19
CA ARG B 41 -5.79 -33.59 21.43
C ARG B 41 -6.72 -32.37 21.54
N PRO B 42 -7.04 -31.90 22.79
CA PRO B 42 -7.97 -30.76 22.96
C PRO B 42 -7.74 -29.47 22.15
N PHE B 43 -6.53 -29.14 21.66
CA PHE B 43 -6.30 -27.90 20.89
C PHE B 43 -6.43 -26.61 21.76
N SER B 44 -7.33 -26.66 22.74
CA SER B 44 -7.26 -25.56 23.75
C SER B 44 -5.80 -25.56 24.26
N GLU B 45 -5.14 -26.72 24.12
CA GLU B 45 -3.79 -27.03 24.64
C GLU B 45 -2.78 -26.77 23.52
N ALA B 46 -3.26 -26.12 22.46
CA ALA B 46 -2.36 -25.74 21.37
C ALA B 46 -2.25 -24.24 21.43
N SER B 47 -1.05 -23.70 21.26
CA SER B 47 -0.87 -22.25 21.27
C SER B 47 -1.26 -21.76 19.89
N MET B 48 -2.33 -20.94 19.80
CA MET B 48 -2.75 -20.39 18.50
C MET B 48 -1.59 -19.61 17.86
N MET B 49 -0.87 -18.79 18.65
CA MET B 49 0.30 -18.05 18.16
C MET B 49 1.38 -19.01 17.67
N GLY B 50 1.57 -20.13 18.39
CA GLY B 50 2.53 -21.17 18.05
C GLY B 50 2.23 -21.80 16.70
N LEU B 51 0.94 -22.14 16.46
CA LEU B 51 0.48 -22.73 15.19
C LEU B 51 0.70 -21.75 14.05
N LEU B 52 0.33 -20.46 14.26
CA LEU B 52 0.47 -19.46 13.19
C LEU B 52 1.93 -19.17 12.86
N THR B 53 2.80 -19.05 13.88
CA THR B 53 4.25 -18.81 13.73
C THR B 53 4.89 -19.97 12.95
N ASN B 54 4.56 -21.21 13.36
CA ASN B 54 5.10 -22.40 12.70
C ASN B 54 4.65 -22.47 11.23
N LEU B 55 3.38 -22.12 10.96
CA LEU B 55 2.87 -22.16 9.59
C LEU B 55 3.57 -21.09 8.75
N ALA B 56 3.71 -19.88 9.28
CA ALA B 56 4.38 -18.80 8.55
C ALA B 56 5.80 -19.22 8.16
N ASP B 57 6.52 -19.81 9.14
CA ASP B 57 7.91 -20.25 8.96
C ASP B 57 8.03 -21.33 7.86
N ARG B 58 7.08 -22.28 7.86
N ARG B 58 7.11 -22.33 7.84
CA ARG B 58 7.00 -23.33 6.85
CA ARG B 58 7.15 -23.32 6.76
C ARG B 58 6.69 -22.77 5.47
C ARG B 58 6.75 -22.74 5.41
N GLU B 59 5.76 -21.80 5.39
CA GLU B 59 5.37 -21.18 4.12
C GLU B 59 6.51 -20.35 3.54
N LEU B 60 7.32 -19.73 4.43
CA LEU B 60 8.44 -18.89 4.00
C LEU B 60 9.41 -19.66 3.11
N VAL B 61 9.70 -20.91 3.49
CA VAL B 61 10.61 -21.73 2.72
C VAL B 61 10.09 -21.92 1.29
N HIS B 62 8.80 -22.25 1.16
CA HIS B 62 8.20 -22.41 -0.17
C HIS B 62 8.08 -21.06 -0.92
N MET B 63 7.94 -19.95 -0.17
CA MET B 63 7.87 -18.62 -0.80
C MET B 63 9.18 -18.30 -1.52
N ILE B 64 10.32 -18.60 -0.89
CA ILE B 64 11.63 -18.34 -1.52
C ILE B 64 11.73 -19.14 -2.81
N ASN B 65 11.28 -20.41 -2.81
CA ASN B 65 11.30 -21.21 -4.05
C ASN B 65 10.45 -20.62 -5.14
N TRP B 66 9.28 -20.12 -4.74
CA TRP B 66 8.35 -19.49 -5.65
C TRP B 66 9.02 -18.21 -6.23
N ALA B 67 9.64 -17.39 -5.37
CA ALA B 67 10.25 -16.10 -5.79
C ALA B 67 11.28 -16.33 -6.89
N LYS B 68 12.07 -17.41 -6.74
CA LYS B 68 13.09 -17.74 -7.73
C LYS B 68 12.52 -18.09 -9.11
N ARG B 69 11.23 -18.46 -9.16
CA ARG B 69 10.52 -18.80 -10.39
C ARG B 69 9.74 -17.63 -10.96
N VAL B 70 9.73 -16.46 -10.26
CA VAL B 70 9.07 -15.26 -10.80
C VAL B 70 9.99 -14.70 -11.89
N PRO B 71 9.55 -14.64 -13.17
CA PRO B 71 10.47 -14.17 -14.22
C PRO B 71 11.16 -12.85 -13.91
N GLY B 72 12.50 -12.84 -14.07
CA GLY B 72 13.31 -11.66 -13.79
C GLY B 72 13.86 -11.55 -12.39
N PHE B 73 13.26 -12.25 -11.41
CA PHE B 73 13.75 -12.16 -10.04
C PHE B 73 15.23 -12.60 -9.87
N VAL B 74 15.60 -13.76 -10.45
CA VAL B 74 16.97 -14.30 -10.30
C VAL B 74 18.01 -13.52 -11.11
N ASP B 75 17.56 -12.56 -11.94
CA ASP B 75 18.49 -11.70 -12.68
C ASP B 75 19.07 -10.61 -11.75
N LEU B 76 18.41 -10.37 -10.61
CA LEU B 76 18.87 -9.39 -9.62
C LEU B 76 20.05 -9.97 -8.84
N THR B 77 20.83 -9.11 -8.18
CA THR B 77 21.88 -9.59 -7.30
C THR B 77 21.21 -10.31 -6.13
N LEU B 78 21.93 -11.24 -5.46
N LEU B 78 21.95 -11.21 -5.47
N LEU B 78 21.93 -11.24 -5.45
CA LEU B 78 21.43 -11.98 -4.30
CA LEU B 78 21.49 -11.97 -4.30
CA LEU B 78 21.40 -11.96 -4.27
C LEU B 78 21.09 -11.03 -3.15
C LEU B 78 21.11 -11.04 -3.16
C LEU B 78 21.05 -10.99 -3.15
N HIS B 79 21.90 -9.96 -2.96
CA HIS B 79 21.66 -8.94 -1.95
C HIS B 79 20.30 -8.22 -2.21
N ASP B 80 19.99 -7.91 -3.49
CA ASP B 80 18.71 -7.29 -3.86
C ASP B 80 17.53 -8.26 -3.76
N GLN B 81 17.76 -9.52 -4.08
CA GLN B 81 16.72 -10.56 -3.93
C GLN B 81 16.35 -10.68 -2.44
N VAL B 82 17.38 -10.72 -1.55
CA VAL B 82 17.14 -10.81 -0.11
C VAL B 82 16.34 -9.57 0.36
N HIS B 83 16.75 -8.36 -0.07
CA HIS B 83 16.06 -7.12 0.33
C HIS B 83 14.56 -7.16 -0.06
N LEU B 84 14.27 -7.57 -1.32
CA LEU B 84 12.85 -7.65 -1.74
C LEU B 84 12.07 -8.61 -0.85
N LEU B 85 12.68 -9.77 -0.53
CA LEU B 85 11.97 -10.74 0.33
C LEU B 85 11.82 -10.26 1.77
N GLU B 86 12.87 -9.59 2.32
CA GLU B 86 12.79 -8.99 3.65
C GLU B 86 11.60 -8.01 3.73
N CYS B 87 11.34 -7.22 2.65
N CYS B 87 11.38 -7.22 2.67
CA CYS B 87 10.26 -6.23 2.63
CA CYS B 87 10.32 -6.24 2.66
C CYS B 87 8.89 -6.81 2.43
C CYS B 87 8.93 -6.85 2.50
N ALA B 88 8.80 -7.80 1.56
CA ALA B 88 7.50 -8.36 1.15
C ALA B 88 6.97 -9.64 1.81
N TRP B 89 7.79 -10.36 2.58
CA TRP B 89 7.38 -11.70 3.06
C TRP B 89 5.98 -11.75 3.73
N LEU B 90 5.67 -10.80 4.63
CA LEU B 90 4.40 -10.84 5.32
C LEU B 90 3.22 -10.45 4.41
N GLU B 91 3.44 -9.46 3.51
CA GLU B 91 2.40 -9.10 2.54
C GLU B 91 2.10 -10.33 1.65
N ILE B 92 3.14 -11.08 1.27
CA ILE B 92 2.97 -12.27 0.43
C ILE B 92 2.21 -13.37 1.18
N LEU B 93 2.55 -13.61 2.45
CA LEU B 93 1.77 -14.58 3.26
C LEU B 93 0.30 -14.12 3.34
N MET B 94 0.10 -12.80 3.61
CA MET B 94 -1.27 -12.30 3.77
C MET B 94 -2.10 -12.37 2.49
N ILE B 95 -1.53 -12.03 1.31
CA ILE B 95 -2.30 -12.12 0.07
C ILE B 95 -2.68 -13.58 -0.21
N GLY B 96 -1.79 -14.49 0.11
CA GLY B 96 -2.04 -15.93 -0.06
C GLY B 96 -3.19 -16.37 0.84
N LEU B 97 -3.14 -15.93 2.09
CA LEU B 97 -4.18 -16.23 3.08
C LEU B 97 -5.53 -15.70 2.62
N VAL B 98 -5.55 -14.44 2.15
CA VAL B 98 -6.81 -13.83 1.68
C VAL B 98 -7.34 -14.59 0.47
N TRP B 99 -6.48 -15.00 -0.45
CA TRP B 99 -6.87 -15.78 -1.62
C TRP B 99 -7.48 -17.13 -1.21
N ARG B 100 -6.82 -17.86 -0.29
CA ARG B 100 -7.33 -19.18 0.19
C ARG B 100 -8.68 -19.04 0.88
N SER B 101 -8.92 -17.88 1.50
CA SER B 101 -10.11 -17.60 2.31
C SER B 101 -11.27 -17.03 1.50
N MET B 102 -11.02 -16.67 0.23
CA MET B 102 -11.99 -15.99 -0.62
C MET B 102 -13.38 -16.65 -0.65
N GLU B 103 -13.43 -17.98 -0.78
CA GLU B 103 -14.71 -18.72 -0.87
C GLU B 103 -15.22 -19.25 0.49
N HIS B 104 -14.74 -18.66 1.59
CA HIS B 104 -15.11 -19.02 2.96
C HIS B 104 -15.52 -17.73 3.69
N PRO B 105 -16.71 -17.16 3.37
CA PRO B 105 -17.11 -15.90 4.04
C PRO B 105 -17.03 -15.96 5.56
N GLY B 106 -16.43 -14.93 6.14
CA GLY B 106 -16.28 -14.80 7.59
C GLY B 106 -15.22 -15.68 8.23
N LYS B 107 -14.42 -16.40 7.42
CA LYS B 107 -13.37 -17.25 7.96
C LYS B 107 -12.04 -17.05 7.23
N LEU B 108 -10.97 -17.33 7.95
CA LEU B 108 -9.62 -17.24 7.39
C LEU B 108 -9.08 -18.67 7.31
N LEU B 109 -8.83 -19.12 6.09
CA LEU B 109 -8.32 -20.47 5.84
C LEU B 109 -6.80 -20.43 5.92
N PHE B 110 -6.28 -20.48 7.15
CA PHE B 110 -4.82 -20.55 7.38
C PHE B 110 -4.27 -21.80 6.75
N ALA B 111 -5.03 -22.90 6.88
CA ALA B 111 -4.66 -24.19 6.29
C ALA B 111 -5.97 -24.99 6.18
N PRO B 112 -6.03 -26.07 5.35
CA PRO B 112 -7.28 -26.84 5.26
C PRO B 112 -7.78 -27.36 6.62
N ASN B 113 -6.87 -27.55 7.59
CA ASN B 113 -7.18 -27.99 8.94
C ASN B 113 -7.10 -26.85 9.97
N LEU B 114 -7.15 -25.59 9.53
CA LEU B 114 -7.09 -24.46 10.45
C LEU B 114 -7.87 -23.32 9.82
N LEU B 115 -9.21 -23.40 9.93
CA LEU B 115 -10.15 -22.40 9.39
C LEU B 115 -10.62 -21.66 10.62
N LEU B 116 -10.26 -20.38 10.74
CA LEU B 116 -10.56 -19.61 11.93
C LEU B 116 -11.53 -18.47 11.69
N ASP B 117 -12.32 -18.12 12.72
CA ASP B 117 -13.21 -16.95 12.60
C ASP B 117 -12.66 -15.79 13.43
N ARG B 118 -13.28 -14.60 13.38
CA ARG B 118 -12.77 -13.44 14.12
C ARG B 118 -12.70 -13.65 15.63
N ASN B 119 -13.68 -14.39 16.23
CA ASN B 119 -13.69 -14.67 17.69
C ASN B 119 -12.46 -15.45 18.11
N GLN B 120 -11.96 -16.33 17.23
CA GLN B 120 -10.76 -17.12 17.49
C GLN B 120 -9.50 -16.24 17.50
N GLY B 121 -9.62 -15.00 17.01
CA GLY B 121 -8.54 -14.02 17.05
C GLY B 121 -8.42 -13.30 18.39
N LYS B 122 -9.45 -13.43 19.26
CA LYS B 122 -9.49 -12.79 20.60
C LYS B 122 -8.46 -13.35 21.59
N CYS B 123 -7.86 -14.52 21.27
CA CYS B 123 -6.85 -15.22 22.07
C CYS B 123 -5.64 -14.33 22.44
N VAL B 124 -5.05 -13.61 21.45
CA VAL B 124 -3.85 -12.78 21.68
C VAL B 124 -4.03 -11.31 21.19
N GLU B 125 -3.17 -10.41 21.72
CA GLU B 125 -3.11 -8.96 21.53
C GLU B 125 -2.97 -8.46 20.08
N GLY B 126 -3.97 -7.70 19.67
CA GLY B 126 -4.03 -7.08 18.35
C GLY B 126 -4.41 -8.00 17.20
N MET B 127 -4.66 -9.30 17.48
CA MET B 127 -4.99 -10.24 16.40
C MET B 127 -6.38 -10.08 15.82
N VAL B 128 -7.40 -9.76 16.64
CA VAL B 128 -8.76 -9.57 16.12
C VAL B 128 -8.79 -8.38 15.09
N GLU B 129 -8.00 -7.28 15.32
CA GLU B 129 -7.90 -6.14 14.38
C GLU B 129 -7.32 -6.62 13.03
N ILE B 130 -6.26 -7.42 13.10
CA ILE B 130 -5.60 -7.99 11.90
C ILE B 130 -6.59 -8.92 11.20
N PHE B 131 -7.25 -9.81 11.94
CA PHE B 131 -8.23 -10.72 11.37
C PHE B 131 -9.33 -9.97 10.64
N ASP B 132 -9.88 -8.90 11.27
CA ASP B 132 -10.95 -8.12 10.61
C ASP B 132 -10.49 -7.51 9.31
N MET B 133 -9.26 -6.98 9.28
CA MET B 133 -8.72 -6.37 8.05
C MET B 133 -8.54 -7.44 6.94
N LEU B 134 -8.06 -8.63 7.34
CA LEU B 134 -7.88 -9.71 6.37
C LEU B 134 -9.22 -10.21 5.83
N LEU B 135 -10.21 -10.35 6.71
CA LEU B 135 -11.56 -10.77 6.29
C LEU B 135 -12.18 -9.75 5.31
N ALA B 136 -11.97 -8.44 5.56
CA ALA B 136 -12.47 -7.37 4.64
C ALA B 136 -11.78 -7.46 3.27
N THR B 137 -10.49 -7.85 3.25
CA THR B 137 -9.79 -8.01 1.98
C THR B 137 -10.35 -9.21 1.22
N SER B 138 -10.62 -10.31 1.93
CA SER B 138 -11.20 -11.51 1.31
C SER B 138 -12.56 -11.15 0.70
N SER B 139 -13.34 -10.39 1.45
CA SER B 139 -14.66 -9.90 1.03
C SER B 139 -14.52 -9.05 -0.27
N ARG B 140 -13.52 -8.16 -0.32
CA ARG B 140 -13.26 -7.33 -1.49
C ARG B 140 -12.89 -8.19 -2.71
N PHE B 141 -12.03 -9.23 -2.52
CA PHE B 141 -11.63 -10.15 -3.58
C PHE B 141 -12.87 -10.86 -4.12
N ARG B 142 -13.75 -11.27 -3.21
CA ARG B 142 -14.99 -11.98 -3.54
C ARG B 142 -15.89 -11.07 -4.38
N MET B 143 -16.09 -9.81 -3.94
CA MET B 143 -16.90 -8.81 -4.65
C MET B 143 -16.39 -8.57 -6.08
N MET B 144 -15.06 -8.54 -6.23
CA MET B 144 -14.42 -8.32 -7.53
C MET B 144 -14.33 -9.55 -8.39
N ASN B 145 -14.64 -10.73 -7.81
CA ASN B 145 -14.52 -12.03 -8.45
C ASN B 145 -13.07 -12.20 -8.98
N LEU B 146 -12.10 -11.99 -8.09
CA LEU B 146 -10.68 -12.13 -8.42
C LEU B 146 -10.38 -13.51 -8.99
N GLN B 147 -9.71 -13.54 -10.15
CA GLN B 147 -9.31 -14.77 -10.83
C GLN B 147 -7.91 -15.22 -10.40
N GLY B 148 -7.67 -16.54 -10.42
CA GLY B 148 -6.39 -17.12 -10.05
C GLY B 148 -5.23 -16.53 -10.82
N GLU B 149 -5.44 -16.27 -12.12
CA GLU B 149 -4.42 -15.69 -13.00
C GLU B 149 -4.08 -14.24 -12.57
N GLU B 150 -5.08 -13.51 -12.07
CA GLU B 150 -4.87 -12.11 -11.56
C GLU B 150 -4.13 -12.17 -10.25
N PHE B 151 -4.55 -13.07 -9.36
CA PHE B 151 -3.92 -13.26 -8.04
C PHE B 151 -2.41 -13.49 -8.17
N VAL B 152 -1.99 -14.42 -9.05
CA VAL B 152 -0.55 -14.71 -9.20
C VAL B 152 0.20 -13.46 -9.71
N CYS B 153 -0.43 -12.64 -10.57
CA CYS B 153 0.20 -11.40 -11.02
C CYS B 153 0.36 -10.42 -9.82
N LEU B 154 -0.69 -10.26 -9.03
CA LEU B 154 -0.63 -9.34 -7.86
C LEU B 154 0.41 -9.77 -6.85
N LYS B 155 0.50 -11.07 -6.57
CA LYS B 155 1.49 -11.58 -5.62
C LYS B 155 2.93 -11.30 -6.13
N SER B 156 3.17 -11.44 -7.45
CA SER B 156 4.47 -11.16 -8.08
C SER B 156 4.79 -9.64 -7.99
N ILE B 157 3.74 -8.83 -8.16
CA ILE B 157 3.89 -7.38 -8.06
C ILE B 157 4.36 -7.01 -6.65
N ILE B 158 3.74 -7.59 -5.60
CA ILE B 158 4.13 -7.29 -4.21
C ILE B 158 5.62 -7.62 -4.04
N LEU B 159 6.03 -8.80 -4.51
CA LEU B 159 7.44 -9.19 -4.38
C LEU B 159 8.40 -8.15 -5.00
N LEU B 160 8.11 -7.68 -6.20
CA LEU B 160 9.02 -6.77 -6.90
C LEU B 160 8.90 -5.34 -6.47
N ASN B 161 7.68 -4.92 -6.07
CA ASN B 161 7.44 -3.51 -5.74
C ASN B 161 7.77 -3.12 -4.31
N SER B 162 7.44 -3.98 -3.35
CA SER B 162 7.50 -3.59 -1.94
C SER B 162 8.84 -3.03 -1.46
N GLY B 163 9.95 -3.62 -1.88
CA GLY B 163 11.26 -3.16 -1.46
C GLY B 163 12.02 -2.31 -2.46
N VAL B 164 11.45 -2.07 -3.67
CA VAL B 164 12.20 -1.35 -4.72
C VAL B 164 12.56 0.10 -4.30
N TYR B 165 11.73 0.71 -3.45
CA TYR B 165 11.88 2.10 -2.98
C TYR B 165 12.94 2.27 -1.87
N THR B 166 13.45 1.17 -1.30
CA THR B 166 14.42 1.24 -0.21
C THR B 166 15.78 0.59 -0.55
N PHE B 167 16.15 0.64 -1.84
CA PHE B 167 17.42 0.11 -2.36
C PHE B 167 18.60 0.98 -1.96
N THR B 171 26.34 4.49 -7.28
CA THR B 171 26.56 3.29 -8.08
C THR B 171 25.53 3.20 -9.24
N LEU B 172 25.96 2.67 -10.40
CA LEU B 172 25.10 2.52 -11.59
C LEU B 172 24.34 1.19 -11.61
N LYS B 173 24.87 0.18 -10.88
CA LYS B 173 24.28 -1.15 -10.75
C LYS B 173 22.90 -1.08 -10.09
N SER B 174 22.73 -0.20 -9.08
CA SER B 174 21.46 0.01 -8.37
C SER B 174 20.37 0.57 -9.31
N LEU B 175 20.74 1.54 -10.17
CA LEU B 175 19.85 2.14 -11.17
C LEU B 175 19.43 1.08 -12.18
N GLU B 176 20.37 0.21 -12.60
CA GLU B 176 20.13 -0.92 -13.50
C GLU B 176 19.21 -1.93 -12.82
N GLU B 177 19.44 -2.19 -11.52
CA GLU B 177 18.59 -3.09 -10.73
C GLU B 177 17.16 -2.54 -10.66
N LYS B 178 17.00 -1.24 -10.30
CA LYS B 178 15.66 -0.62 -10.24
C LYS B 178 15.01 -0.62 -11.61
N ASP B 179 15.79 -0.33 -12.69
CA ASP B 179 15.26 -0.30 -14.06
C ASP B 179 14.76 -1.68 -14.46
N HIS B 180 15.51 -2.74 -14.10
CA HIS B 180 15.14 -4.13 -14.41
C HIS B 180 13.81 -4.45 -13.71
N ILE B 181 13.71 -4.12 -12.41
CA ILE B 181 12.47 -4.36 -11.62
C ILE B 181 11.29 -3.65 -12.26
N HIS B 182 11.47 -2.37 -12.64
CA HIS B 182 10.39 -1.63 -13.26
C HIS B 182 10.00 -2.19 -14.63
N ARG B 183 10.96 -2.76 -15.39
CA ARG B 183 10.62 -3.39 -16.68
C ARG B 183 9.82 -4.68 -16.44
N VAL B 184 10.19 -5.44 -15.41
CA VAL B 184 9.45 -6.68 -15.09
C VAL B 184 8.05 -6.31 -14.61
N LEU B 185 7.96 -5.31 -13.72
CA LEU B 185 6.65 -4.82 -13.27
C LEU B 185 5.77 -4.37 -14.44
N ASP B 186 6.34 -3.66 -15.44
CA ASP B 186 5.63 -3.25 -16.66
C ASP B 186 5.10 -4.45 -17.45
N LYS B 187 5.89 -5.53 -17.53
CA LYS B 187 5.47 -6.79 -18.18
C LYS B 187 4.29 -7.37 -17.44
N ILE B 188 4.32 -7.33 -16.09
CA ILE B 188 3.21 -7.88 -15.32
C ILE B 188 1.94 -7.05 -15.53
N THR B 189 2.08 -5.71 -15.65
CA THR B 189 0.94 -4.85 -15.92
C THR B 189 0.34 -5.25 -17.30
N ASP B 190 1.21 -5.43 -18.32
CA ASP B 190 0.79 -5.83 -19.67
C ASP B 190 0.04 -7.15 -19.60
N THR B 191 0.55 -8.08 -18.78
CA THR B 191 -0.04 -9.42 -18.56
C THR B 191 -1.44 -9.29 -17.92
N LEU B 192 -1.58 -8.47 -16.85
CA LEU B 192 -2.89 -8.24 -16.22
C LEU B 192 -3.89 -7.65 -17.22
N ILE B 193 -3.47 -6.65 -18.02
CA ILE B 193 -4.33 -6.02 -19.04
C ILE B 193 -4.75 -7.07 -20.09
N HIS B 194 -3.80 -7.91 -20.53
CA HIS B 194 -4.05 -9.00 -21.49
C HIS B 194 -5.13 -9.96 -20.98
N LEU B 195 -5.04 -10.38 -19.72
CA LEU B 195 -6.00 -11.27 -19.08
C LEU B 195 -7.40 -10.66 -19.09
N MET B 196 -7.48 -9.35 -18.74
CA MET B 196 -8.75 -8.63 -18.69
C MET B 196 -9.37 -8.49 -20.08
N ALA B 197 -8.52 -8.22 -21.10
CA ALA B 197 -8.92 -8.07 -22.50
C ALA B 197 -9.45 -9.40 -23.05
N LYS B 198 -8.79 -10.53 -22.67
CA LYS B 198 -9.18 -11.90 -23.05
C LYS B 198 -10.53 -12.27 -22.44
N ALA B 199 -10.82 -11.78 -21.21
CA ALA B 199 -12.06 -11.98 -20.46
C ALA B 199 -13.23 -11.13 -21.01
N GLY B 200 -12.98 -10.34 -22.04
CA GLY B 200 -13.99 -9.51 -22.70
C GLY B 200 -14.28 -8.16 -22.07
N LEU B 201 -13.40 -7.67 -21.15
CA LEU B 201 -13.64 -6.34 -20.57
C LEU B 201 -13.33 -5.25 -21.59
N THR B 202 -14.07 -4.11 -21.53
CA THR B 202 -13.81 -2.98 -22.41
C THR B 202 -12.50 -2.31 -21.96
N LEU B 203 -11.89 -1.45 -22.79
CA LEU B 203 -10.66 -0.73 -22.42
C LEU B 203 -10.87 0.05 -21.12
N GLN B 204 -12.03 0.73 -20.98
CA GLN B 204 -12.36 1.48 -19.78
C GLN B 204 -12.41 0.56 -18.55
N GLN B 205 -13.07 -0.62 -18.68
CA GLN B 205 -13.19 -1.63 -17.61
C GLN B 205 -11.82 -2.20 -17.22
N GLN B 206 -10.96 -2.41 -18.24
CA GLN B 206 -9.60 -2.91 -18.04
C GLN B 206 -8.78 -1.95 -17.17
N HIS B 207 -8.77 -0.64 -17.48
N HIS B 207 -8.80 -0.66 -17.49
CA HIS B 207 -7.99 0.29 -16.68
CA HIS B 207 -8.07 0.35 -16.73
C HIS B 207 -8.60 0.49 -15.28
C HIS B 207 -8.60 0.47 -15.30
N GLN B 208 -9.94 0.45 -15.16
CA GLN B 208 -10.63 0.57 -13.87
C GLN B 208 -10.32 -0.64 -12.98
N ARG B 209 -10.34 -1.85 -13.54
CA ARG B 209 -10.06 -3.08 -12.77
C ARG B 209 -8.58 -3.14 -12.37
N LEU B 210 -7.67 -2.74 -13.27
CA LEU B 210 -6.25 -2.69 -12.94
C LEU B 210 -6.05 -1.79 -11.71
N ALA B 211 -6.65 -0.59 -11.72
CA ALA B 211 -6.54 0.34 -10.58
C ALA B 211 -7.14 -0.27 -9.31
N GLN B 212 -8.32 -0.89 -9.39
CA GLN B 212 -8.97 -1.50 -8.23
C GLN B 212 -8.08 -2.56 -7.60
N LEU B 213 -7.44 -3.40 -8.43
CA LEU B 213 -6.56 -4.46 -7.95
C LEU B 213 -5.32 -3.84 -7.30
N LEU B 214 -4.68 -2.84 -7.95
CA LEU B 214 -3.47 -2.26 -7.36
C LEU B 214 -3.73 -1.45 -6.09
N LEU B 215 -4.93 -0.84 -5.95
CA LEU B 215 -5.23 -0.11 -4.71
C LEU B 215 -5.39 -1.03 -3.50
N ILE B 216 -5.78 -2.29 -3.74
CA ILE B 216 -5.86 -3.27 -2.64
C ILE B 216 -4.45 -3.53 -2.07
N LEU B 217 -3.40 -3.39 -2.90
CA LEU B 217 -2.03 -3.60 -2.42
C LEU B 217 -1.64 -2.63 -1.31
N SER B 218 -2.21 -1.41 -1.32
N SER B 218 -2.22 -1.41 -1.33
CA SER B 218 -1.95 -0.43 -0.25
CA SER B 218 -1.99 -0.42 -0.28
C SER B 218 -2.54 -0.93 1.07
C SER B 218 -2.53 -0.96 1.05
N HIS B 219 -3.71 -1.62 1.02
CA HIS B 219 -4.32 -2.21 2.21
C HIS B 219 -3.48 -3.43 2.68
N ILE B 220 -2.97 -4.22 1.73
CA ILE B 220 -2.11 -5.36 2.08
C ILE B 220 -0.83 -4.85 2.79
N ARG B 221 -0.24 -3.75 2.30
CA ARG B 221 0.92 -3.16 2.95
C ARG B 221 0.52 -2.73 4.39
N HIS B 222 -0.65 -2.06 4.52
CA HIS B 222 -1.12 -1.63 5.84
C HIS B 222 -1.23 -2.84 6.82
N MET B 223 -1.82 -3.93 6.37
CA MET B 223 -1.96 -5.10 7.25
C MET B 223 -0.62 -5.71 7.64
N SER B 224 0.33 -5.79 6.68
CA SER B 224 1.67 -6.28 6.96
C SER B 224 2.34 -5.37 8.01
N ASN B 225 2.25 -4.02 7.86
CA ASN B 225 2.85 -3.17 8.87
C ASN B 225 2.21 -3.34 10.23
N LYS B 226 0.87 -3.43 10.30
CA LYS B 226 0.14 -3.59 11.56
C LYS B 226 0.47 -4.94 12.22
N GLY B 227 0.57 -5.98 11.39
CA GLY B 227 0.93 -7.31 11.87
C GLY B 227 2.31 -7.32 12.50
N MET B 228 3.29 -6.74 11.80
CA MET B 228 4.67 -6.68 12.30
C MET B 228 4.75 -5.84 13.57
N GLU B 229 3.99 -4.71 13.64
CA GLU B 229 3.96 -3.84 14.83
C GLU B 229 3.54 -4.67 16.06
N HIS B 230 2.51 -5.52 15.90
CA HIS B 230 1.98 -6.35 16.99
C HIS B 230 2.93 -7.47 17.34
N LEU B 231 3.65 -8.04 16.34
CA LEU B 231 4.65 -9.08 16.62
C LEU B 231 5.81 -8.47 17.42
N TYR B 232 6.27 -7.23 17.08
CA TYR B 232 7.33 -6.57 17.84
C TYR B 232 6.88 -6.23 19.29
N SER B 233 5.61 -5.84 19.50
CA SER B 233 5.03 -5.49 20.82
C SER B 233 5.08 -6.68 21.78
N MET B 234 4.71 -7.87 21.27
CA MET B 234 4.85 -9.14 22.00
C MET B 234 6.35 -9.31 21.84
N LYS B 235 7.09 -9.85 22.78
CA LYS B 235 8.50 -9.91 22.44
C LYS B 235 8.80 -11.22 21.71
N CYS B 236 8.24 -11.32 20.48
CA CYS B 236 8.37 -12.48 19.60
C CYS B 236 9.83 -12.62 19.20
N LYS B 237 10.33 -13.86 19.29
CA LYS B 237 11.68 -14.22 18.90
C LYS B 237 11.69 -14.17 17.36
N ASN B 238 12.75 -13.60 16.77
CA ASN B 238 12.95 -13.47 15.31
C ASN B 238 11.69 -13.00 14.58
N VAL B 239 11.18 -11.79 14.91
CA VAL B 239 9.97 -11.23 14.27
C VAL B 239 10.12 -11.28 12.76
N VAL B 240 11.31 -10.91 12.27
CA VAL B 240 11.54 -10.88 10.84
C VAL B 240 12.57 -11.93 10.41
N PRO B 241 12.43 -12.56 9.21
CA PRO B 241 13.48 -13.49 8.75
C PRO B 241 14.77 -12.70 8.59
N SER B 242 15.89 -13.20 9.14
CA SER B 242 17.16 -12.50 9.00
C SER B 242 17.69 -12.48 7.56
N TYR B 243 18.62 -11.56 7.29
CA TYR B 243 19.25 -11.48 5.97
C TYR B 243 19.92 -12.85 5.68
N ASP B 244 20.64 -13.41 6.67
CA ASP B 244 21.36 -14.67 6.53
C ASP B 244 20.44 -15.83 6.28
N LEU B 245 19.28 -15.87 6.98
CA LEU B 245 18.31 -16.95 6.79
C LEU B 245 17.78 -16.93 5.36
N LEU B 246 17.38 -15.73 4.88
CA LEU B 246 16.84 -15.60 3.51
C LEU B 246 17.90 -15.94 2.47
N LEU B 247 19.13 -15.46 2.69
CA LEU B 247 20.23 -15.75 1.80
C LEU B 247 20.51 -17.27 1.78
N GLU B 248 20.45 -17.96 2.90
CA GLU B 248 20.66 -19.43 2.97
C GLU B 248 19.58 -20.16 2.15
N MET B 249 18.31 -19.78 2.33
CA MET B 249 17.18 -20.39 1.63
C MET B 249 17.24 -20.18 0.12
N LEU B 250 17.82 -19.04 -0.32
CA LEU B 250 18.02 -18.73 -1.72
C LEU B 250 18.97 -19.71 -2.39
N ASP B 251 19.79 -20.44 -1.58
CA ASP B 251 20.70 -21.51 -2.04
C ASP B 251 21.53 -21.03 -3.23
N ALA B 252 22.39 -20.04 -2.97
CA ALA B 252 23.26 -19.41 -3.94
C ALA B 252 24.02 -20.44 -4.80
N HIS B 253 24.29 -20.10 -6.09
CA HIS B 253 25.10 -20.99 -6.95
C HIS B 253 26.48 -21.07 -6.26
N ARG B 254 27.26 -22.11 -6.53
CA ARG B 254 28.54 -22.30 -5.86
C ARG B 254 29.75 -21.78 -6.67
N LEU B 255 29.48 -20.96 -7.70
CA LEU B 255 30.46 -20.40 -8.64
C LEU B 255 30.79 -18.90 -8.45
N HIS B 256 30.98 -18.46 -7.18
CA HIS B 256 31.30 -17.05 -6.85
C HIS B 256 32.38 -16.97 -5.79
C4 L5B C . 5.06 17.17 9.66
C5 L5B C . 5.42 15.38 8.04
C6 L5B C . 5.47 15.86 9.38
C7 L5B C . 5.92 14.99 10.49
C8 L5B C . 5.83 13.97 7.66
C9 L5B C . 7.04 14.23 10.35
C10 L5B C . 7.33 13.67 7.84
C11 L5B C . 7.92 14.27 9.13
C12 L5B C . 3.93 18.37 6.27
C14 L5B C . 5.06 15.04 11.71
C15 L5B C . 7.51 13.30 11.43
C1 L5B C . 4.61 17.99 8.64
C2 L5B C . 4.55 17.53 7.33
C3 L5B C . 4.96 16.23 7.04
O13 L5B C . 3.36 19.46 6.73
C16 L5B C . 6.92 12.06 11.67
C17 L5B C . 7.46 11.16 12.57
C18 L5B C . 8.59 11.54 13.28
C19 L5B C . 9.16 12.77 13.11
C20 L5B C . 8.63 13.65 12.19
CL1 L5B C . 9.34 10.38 14.34
CL2 L5B C . 5.51 11.56 10.81
C23 L5B C . 3.70 14.80 11.61
C24 L5B C . 2.88 14.96 12.71
C25 L5B C . 3.42 15.34 13.93
C26 L5B C . 4.78 15.58 14.05
C27 L5B C . 5.59 15.43 12.94
O28 L5B C . 2.63 15.60 15.03
C29 L5B C . 1.21 15.77 14.74
C30 L5B C . 0.51 16.40 15.92
N31 L5B C . -0.90 16.31 15.54
C32 L5B C . -0.97 15.22 14.55
C33 L5B C . 0.39 14.58 14.51
C34 L5B C . -1.71 15.99 16.72
C35 L5B C . -3.19 15.83 16.44
C36 L5B C . -3.88 17.14 16.05
F37 L5B C . -4.06 17.82 17.21
O38 L5B C . 4.02 18.09 5.09
C4 L5B D . 0.80 -16.68 9.93
C5 L5B D . -0.36 -14.88 8.81
C6 L5B D . 0.31 -15.37 9.94
C7 L5B D . 0.54 -14.53 11.15
C8 L5B D . -0.89 -13.46 8.76
C9 L5B D . -0.49 -13.79 11.66
C10 L5B D . -2.07 -13.20 9.71
C11 L5B D . -1.89 -13.83 11.09
C12 L5B D . -0.04 -17.79 6.43
C14 L5B D . 1.91 -14.59 11.71
C15 L5B D . -0.31 -12.90 12.85
C1 L5B D . 0.65 -17.48 8.80
C2 L5B D . 0.00 -16.99 7.68
C3 L5B D . -0.50 -15.69 7.70
O13 L5B D . 0.68 -18.88 6.48
C16 L5B D . 0.35 -11.67 12.80
C17 L5B D . 0.43 -10.84 13.90
C18 L5B D . -0.17 -11.25 15.07
C19 L5B D . -0.83 -12.45 15.18
C20 L5B D . -0.89 -13.28 14.07
CL1 L5B D . -0.12 -10.19 16.45
CL2 L5B D . 1.11 -11.15 11.32
C23 L5B D . 3.02 -14.31 10.90
C24 L5B D . 4.31 -14.44 11.41
C25 L5B D . 4.49 -14.87 12.71
C26 L5B D . 3.41 -15.13 13.53
C27 L5B D . 2.13 -14.99 13.03
O28 L5B D . 5.72 -15.07 13.29
C29 L5B D . 6.94 -14.65 12.66
C30 L5B D . 7.47 -15.58 11.56
N31 L5B D . 8.90 -15.75 11.84
C32 L5B D . 8.98 -15.75 13.30
C33 L5B D . 8.02 -14.65 13.74
C34 L5B D . 9.83 -15.01 10.98
C35 L5B D . 11.32 -15.28 11.22
C36 L5B D . 11.77 -16.61 10.62
F37 L5B D . 11.64 -16.49 9.24
O38 L5B D . -0.74 -17.47 5.48
#